data_7RWS
#
_entry.id   7RWS
#
_cell.length_a   68.696
_cell.length_b   126.713
_cell.length_c   83.439
_cell.angle_alpha   90.000
_cell.angle_beta   90.000
_cell.angle_gamma   90.000
#
_symmetry.space_group_name_H-M   'C 2 2 21'
#
loop_
_entity.id
_entity.type
_entity.pdbx_description
1 polymer 'SAVED domain-containing protein'
2 non-polymer "3'2'-cGAMP"
3 water water
#
_entity_poly.entity_id   1
_entity_poly.type   'polypeptide(L)'
_entity_poly.pdbx_seq_one_letter_code
;AIKSSILSFNSIITKNDEIKNEEAEFPKVLLFNDNYFDGNIYRINNALSGIEHDPMYYDLMCQSMKQQIEKIKIPLNSSE
TISVFAIAPQPLLLYLGYLLNDETNIKIYQRFRTGNLKWNWESSEITNNFYVEQLYTDGNEIDTEVNLILSLSAEISLDR
IPTFSNQEYKVPTLILRSDRQGFDAIKSNEDVNEYISVFRNLVVEKIRNDFPNLKCINIFPATPVSVPVRMGMNYQKNID
VEWKIFNQQTNVGFIYSLSLKGEV
;
_entity_poly.pdbx_strand_id   A
#
loop_
_chem_comp.id
_chem_comp.type
_chem_comp.name
_chem_comp.formula
4UR non-polymer 3'2'-cGAMP 'C20 H24 N10 O13 P2'
#
# COMPACT_ATOMS: atom_id res chain seq x y z
N ALA A 1 18.57 20.51 2.18
CA ALA A 1 19.16 19.36 2.85
C ALA A 1 18.24 18.85 3.96
N ILE A 2 17.75 19.77 4.80
CA ILE A 2 16.59 19.49 5.63
C ILE A 2 15.30 19.74 4.85
N LYS A 3 15.38 20.41 3.71
CA LYS A 3 14.21 20.79 2.93
C LYS A 3 13.41 19.56 2.49
N SER A 4 12.09 19.66 2.56
CA SER A 4 11.20 18.64 2.03
C SER A 4 10.02 19.30 1.33
N SER A 5 9.65 18.75 0.16
CA SER A 5 8.37 19.12 -0.43
C SER A 5 7.28 18.29 0.24
N ILE A 6 6.04 18.58 -0.13
CA ILE A 6 4.89 17.84 0.36
C ILE A 6 4.10 17.33 -0.84
N LEU A 7 3.71 16.05 -0.79
CA LEU A 7 2.75 15.50 -1.73
C LEU A 7 1.51 15.09 -0.94
N SER A 8 0.35 15.57 -1.37
CA SER A 8 -0.91 15.38 -0.67
C SER A 8 -1.91 14.68 -1.57
N PHE A 9 -2.55 13.61 -1.06
CA PHE A 9 -3.56 12.87 -1.82
C PHE A 9 -4.64 12.44 -0.84
N ASN A 10 -5.85 12.99 -0.99
CA ASN A 10 -6.96 12.67 -0.09
C ASN A 10 -8.17 12.45 -0.98
N SER A 11 -8.60 11.20 -1.14
CA SER A 11 -9.79 10.95 -1.95
C SER A 11 -10.97 10.46 -1.14
N ILE A 12 -10.75 10.03 0.10
CA ILE A 12 -11.85 9.66 0.99
C ILE A 12 -12.71 10.88 1.30
N ASN A 21 -9.58 18.72 5.19
CA ASN A 21 -8.27 19.16 4.71
C ASN A 21 -7.33 19.45 5.89
N GLU A 22 -6.41 18.53 6.15
CA GLU A 22 -5.43 18.67 7.23
C GLU A 22 -4.09 19.20 6.72
N GLU A 23 -4.09 19.74 5.53
CA GLU A 23 -2.88 20.23 4.87
C GLU A 23 -2.13 21.26 5.72
N ALA A 24 -2.85 22.10 6.47
CA ALA A 24 -2.18 23.10 7.29
C ALA A 24 -1.32 22.48 8.39
N GLU A 25 -1.55 21.22 8.74
CA GLU A 25 -0.74 20.53 9.74
C GLU A 25 0.54 19.92 9.17
N PHE A 26 0.64 19.76 7.86
CA PHE A 26 1.74 18.97 7.31
C PHE A 26 3.11 19.62 7.53
N PRO A 27 3.27 20.93 7.36
CA PRO A 27 4.58 21.54 7.67
C PRO A 27 5.04 21.28 9.10
N LYS A 28 4.11 21.25 10.07
CA LYS A 28 4.53 20.97 11.43
C LYS A 28 5.05 19.54 11.59
N VAL A 29 4.44 18.58 10.89
CA VAL A 29 4.93 17.21 10.93
C VAL A 29 6.37 17.14 10.41
N LEU A 30 6.66 17.87 9.34
CA LEU A 30 8.03 17.88 8.80
C LEU A 30 9.03 18.30 9.86
N LEU A 31 8.70 19.35 10.62
CA LEU A 31 9.62 19.86 11.63
C LEU A 31 9.93 18.82 12.71
N PHE A 32 8.99 17.93 13.02
CA PHE A 32 9.20 16.88 14.00
C PHE A 32 10.04 15.74 13.46
N ASN A 33 10.39 15.75 12.17
CA ASN A 33 11.05 14.63 11.53
C ASN A 33 12.26 15.09 10.73
N ASP A 34 12.97 16.08 11.25
CA ASP A 34 14.25 16.55 10.72
C ASP A 34 14.10 17.22 9.37
N ASN A 35 12.93 17.76 9.07
CA ASN A 35 12.71 18.44 7.81
C ASN A 35 12.11 19.82 8.08
N TYR A 36 12.02 20.62 7.01
CA TYR A 36 11.17 21.79 7.01
C TYR A 36 10.62 21.97 5.61
N PHE A 37 9.43 22.54 5.52
CA PHE A 37 8.73 22.67 4.25
C PHE A 37 9.48 23.62 3.32
N ASP A 38 9.72 23.17 2.09
CA ASP A 38 10.47 23.96 1.12
C ASP A 38 9.60 24.82 0.22
N GLY A 39 8.29 24.85 0.44
CA GLY A 39 7.40 25.67 -0.34
C GLY A 39 6.73 25.00 -1.51
N ASN A 40 7.08 23.75 -1.82
CA ASN A 40 6.51 23.04 -2.96
C ASN A 40 5.55 21.98 -2.44
N ILE A 41 4.25 22.18 -2.65
CA ILE A 41 3.25 21.19 -2.31
C ILE A 41 2.60 20.71 -3.60
N TYR A 42 2.56 19.41 -3.79
CA TYR A 42 1.98 18.79 -4.97
C TYR A 42 0.68 18.13 -4.52
N ARG A 43 -0.45 18.68 -4.95
CA ARG A 43 -1.76 18.17 -4.57
C ARG A 43 -2.26 17.28 -5.70
N ILE A 44 -2.56 16.02 -5.38
CA ILE A 44 -3.08 15.09 -6.38
C ILE A 44 -4.60 15.20 -6.33
N ASN A 45 -5.18 15.66 -7.44
CA ASN A 45 -6.59 16.01 -7.44
C ASN A 45 -7.45 14.74 -7.46
N ASN A 46 -8.56 14.79 -6.72
CA ASN A 46 -9.56 13.72 -6.71
C ASN A 46 -10.48 13.96 -7.90
N ALA A 47 -10.02 13.49 -9.06
CA ALA A 47 -10.60 13.94 -10.32
C ALA A 47 -12.01 13.40 -10.52
N LEU A 48 -12.25 12.14 -10.18
CA LEU A 48 -13.55 11.55 -10.48
C LEU A 48 -14.34 11.33 -9.21
N SER A 49 -14.25 12.28 -8.28
CA SER A 49 -15.20 12.31 -7.18
C SER A 49 -16.59 12.62 -7.71
N GLY A 50 -17.57 11.85 -7.24
CA GLY A 50 -18.91 11.84 -7.79
C GLY A 50 -19.23 10.55 -8.52
N ILE A 51 -18.21 9.89 -9.10
CA ILE A 51 -18.38 8.60 -9.75
C ILE A 51 -17.76 7.46 -8.93
N GLU A 52 -17.54 7.69 -7.63
CA GLU A 52 -16.99 6.68 -6.74
C GLU A 52 -17.76 5.36 -6.80
N HIS A 53 -18.94 5.39 -7.42
CA HIS A 53 -19.87 4.27 -7.44
C HIS A 53 -19.63 3.28 -8.56
N ASP A 54 -19.36 3.74 -9.80
CA ASP A 54 -19.50 2.69 -10.81
C ASP A 54 -18.19 1.92 -10.99
N PRO A 55 -18.27 0.74 -11.62
CA PRO A 55 -17.09 -0.15 -11.67
C PRO A 55 -15.94 0.38 -12.51
N MET A 56 -16.06 1.54 -13.17
CA MET A 56 -14.92 2.18 -13.81
C MET A 56 -14.13 3.12 -12.92
N TYR A 57 -14.51 3.26 -11.64
CA TYR A 57 -13.86 4.22 -10.74
C TYR A 57 -12.34 4.06 -10.72
N TYR A 58 -11.86 2.85 -10.49
CA TYR A 58 -10.41 2.68 -10.33
C TYR A 58 -9.67 2.91 -11.65
N ASP A 59 -10.22 2.43 -12.77
CA ASP A 59 -9.59 2.69 -14.06
C ASP A 59 -9.42 4.19 -14.28
N LEU A 60 -10.50 4.94 -14.06
CA LEU A 60 -10.47 6.36 -14.35
C LEU A 60 -9.60 7.12 -13.36
N MET A 61 -9.62 6.73 -12.08
CA MET A 61 -8.76 7.39 -11.10
C MET A 61 -7.29 7.12 -11.38
N CYS A 62 -6.95 5.88 -11.75
CA CYS A 62 -5.56 5.57 -12.08
C CYS A 62 -5.08 6.40 -13.26
N GLN A 63 -5.91 6.55 -14.29
CA GLN A 63 -5.50 7.38 -15.42
C GLN A 63 -5.24 8.82 -15.00
N SER A 64 -6.13 9.38 -14.18
CA SER A 64 -5.92 10.73 -13.69
C SER A 64 -4.64 10.83 -12.86
N MET A 65 -4.44 9.90 -11.91
CA MET A 65 -3.24 9.97 -11.07
C MET A 65 -1.97 9.87 -11.90
N LYS A 66 -1.96 8.96 -12.87
CA LYS A 66 -0.78 8.78 -13.72
C LYS A 66 -0.44 10.07 -14.47
N GLN A 67 -1.44 10.68 -15.09
CA GLN A 67 -1.19 11.93 -15.81
C GLN A 67 -0.71 13.03 -14.86
N GLN A 68 -1.31 13.12 -13.68
CA GLN A 68 -0.91 14.15 -12.71
C GLN A 68 0.52 13.95 -12.24
N ILE A 69 0.92 12.70 -11.99
CA ILE A 69 2.27 12.46 -11.51
C ILE A 69 3.29 12.70 -12.62
N GLU A 70 2.97 12.29 -13.87
CA GLU A 70 3.91 12.54 -14.96
C GLU A 70 4.17 14.02 -15.17
N LYS A 71 3.15 14.86 -15.04
CA LYS A 71 3.38 16.28 -15.28
C LYS A 71 4.28 16.94 -14.24
N ILE A 72 4.56 16.28 -13.11
CA ILE A 72 5.38 16.86 -12.05
C ILE A 72 6.63 16.03 -11.74
N LYS A 73 6.94 14.99 -12.53
CA LYS A 73 8.16 14.24 -12.24
C LYS A 73 9.42 15.11 -12.25
N ILE A 74 9.47 16.13 -13.09
CA ILE A 74 10.68 16.96 -13.10
C ILE A 74 10.76 17.72 -11.78
N PRO A 75 9.75 18.52 -11.38
CA PRO A 75 9.83 19.15 -10.05
C PRO A 75 9.94 18.15 -8.91
N LEU A 76 9.24 17.01 -8.99
CA LEU A 76 9.29 16.02 -7.91
C LEU A 76 10.71 15.51 -7.68
N ASN A 77 11.38 15.09 -8.76
CA ASN A 77 12.71 14.51 -8.62
C ASN A 77 13.75 15.54 -8.23
N SER A 78 13.44 16.83 -8.36
CA SER A 78 14.34 17.87 -7.88
C SER A 78 14.26 18.10 -6.38
N SER A 79 13.29 17.49 -5.70
CA SER A 79 13.14 17.65 -4.26
C SER A 79 14.29 16.99 -3.52
N GLU A 80 14.76 17.65 -2.45
CA GLU A 80 15.69 17.01 -1.52
C GLU A 80 15.03 15.79 -0.87
N THR A 81 13.87 16.01 -0.29
CA THR A 81 13.01 14.99 0.30
C THR A 81 11.59 15.28 -0.17
N ILE A 82 10.79 14.22 -0.32
CA ILE A 82 9.35 14.34 -0.56
C ILE A 82 8.65 13.69 0.63
N SER A 83 7.78 14.44 1.30
CA SER A 83 6.96 13.93 2.40
C SER A 83 5.53 13.72 1.91
N VAL A 84 5.01 12.50 2.04
CA VAL A 84 3.76 12.08 1.43
C VAL A 84 2.70 11.91 2.52
N PHE A 85 1.54 12.53 2.31
CA PHE A 85 0.39 12.40 3.20
C PHE A 85 -0.77 11.95 2.32
N ALA A 86 -0.99 10.64 2.23
CA ALA A 86 -1.97 10.07 1.32
C ALA A 86 -3.00 9.24 2.08
N ILE A 87 -4.28 9.47 1.80
CA ILE A 87 -5.36 8.66 2.35
C ILE A 87 -6.42 8.51 1.26
N ALA A 88 -6.77 7.26 0.95
CA ALA A 88 -7.57 6.90 -0.22
C ALA A 88 -7.88 5.42 -0.11
N PRO A 89 -8.78 4.86 -0.92
CA PRO A 89 -8.89 3.39 -0.96
C PRO A 89 -7.53 2.76 -1.14
N GLN A 90 -7.33 1.62 -0.47
CA GLN A 90 -6.03 0.96 -0.53
C GLN A 90 -5.52 0.69 -1.94
N PRO A 91 -6.35 0.30 -2.92
CA PRO A 91 -5.80 0.13 -4.28
C PRO A 91 -5.18 1.41 -4.85
N LEU A 92 -5.79 2.57 -4.59
CA LEU A 92 -5.20 3.80 -5.11
C LEU A 92 -3.94 4.21 -4.35
N LEU A 93 -3.87 3.87 -3.05
CA LEU A 93 -2.62 4.09 -2.32
C LEU A 93 -1.51 3.19 -2.87
N LEU A 94 -1.83 1.93 -3.17
CA LEU A 94 -0.86 1.07 -3.84
C LEU A 94 -0.42 1.67 -5.16
N TYR A 95 -1.37 2.18 -5.96
CA TYR A 95 -1.01 2.73 -7.26
C TYR A 95 -0.18 4.01 -7.10
N LEU A 96 -0.49 4.82 -6.08
CA LEU A 96 0.32 6.01 -5.83
C LEU A 96 1.76 5.63 -5.55
N GLY A 97 1.96 4.62 -4.69
CA GLY A 97 3.33 4.21 -4.39
C GLY A 97 4.05 3.70 -5.63
N TYR A 98 3.34 2.95 -6.47
CA TYR A 98 3.88 2.48 -7.73
C TYR A 98 4.30 3.64 -8.61
N LEU A 99 3.50 4.71 -8.66
CA LEU A 99 3.86 5.87 -9.47
C LEU A 99 5.06 6.63 -8.89
N LEU A 100 5.19 6.66 -7.57
CA LEU A 100 6.32 7.33 -6.95
C LEU A 100 7.56 6.48 -7.05
N ASN A 101 7.38 5.18 -6.79
CA ASN A 101 8.32 4.07 -6.80
C ASN A 101 9.74 4.55 -6.57
N ASP A 102 10.01 5.05 -5.36
CA ASP A 102 11.33 5.58 -5.01
C ASP A 102 11.45 5.62 -3.49
N GLU A 103 12.02 4.57 -2.93
CA GLU A 103 12.10 4.36 -1.49
C GLU A 103 13.14 5.23 -0.80
N THR A 104 13.90 6.06 -1.55
CA THR A 104 15.13 6.64 -1.01
C THR A 104 14.95 8.03 -0.39
N ASN A 105 14.50 9.01 -1.16
CA ASN A 105 14.29 10.35 -0.62
C ASN A 105 12.82 10.63 -0.33
N ILE A 106 12.00 9.59 -0.15
CA ILE A 106 10.57 9.76 0.05
C ILE A 106 10.20 9.26 1.42
N LYS A 107 9.44 10.06 2.17
CA LYS A 107 8.93 9.70 3.49
C LYS A 107 7.42 9.57 3.39
N ILE A 108 6.89 8.42 3.79
CA ILE A 108 5.45 8.13 3.74
C ILE A 108 4.93 8.22 5.17
N TYR A 109 3.94 9.09 5.39
CA TYR A 109 3.41 9.31 6.73
C TYR A 109 2.11 8.52 6.93
N GLN A 110 1.79 8.30 8.20
CA GLN A 110 0.63 7.52 8.62
C GLN A 110 -0.34 8.45 9.33
N ARG A 111 -1.64 8.26 9.10
CA ARG A 111 -2.65 9.07 9.78
C ARG A 111 -3.20 8.32 10.99
N PHE A 112 -3.24 9.00 12.13
CA PHE A 112 -3.78 8.45 13.37
C PHE A 112 -5.09 9.15 13.70
N ARG A 113 -5.94 8.46 14.48
CA ARG A 113 -7.27 8.98 14.76
C ARG A 113 -7.23 10.11 15.78
N THR A 114 -6.27 10.09 16.70
CA THR A 114 -6.15 11.08 17.76
C THR A 114 -4.77 11.73 17.69
N GLY A 115 -4.59 12.79 18.48
CA GLY A 115 -3.30 13.45 18.60
C GLY A 115 -3.29 14.90 18.18
N ASN A 116 -2.31 15.66 18.70
CA ASN A 116 -2.15 17.06 18.31
C ASN A 116 -1.87 17.20 16.82
N LEU A 117 -1.04 16.31 16.27
CA LEU A 117 -0.74 16.24 14.85
C LEU A 117 -1.12 14.84 14.39
N LYS A 118 -2.27 14.72 13.73
CA LYS A 118 -2.81 13.42 13.33
C LYS A 118 -1.83 12.63 12.46
N TRP A 119 -0.95 13.31 11.73
CA TRP A 119 -0.06 12.62 10.80
C TRP A 119 1.37 12.44 11.32
N ASN A 120 1.66 12.83 12.57
CA ASN A 120 2.98 12.55 13.11
C ASN A 120 3.02 11.14 13.69
N TRP A 121 4.19 10.52 13.62
CA TRP A 121 4.35 9.17 14.18
C TRP A 121 4.04 9.16 15.68
N GLU A 122 3.43 8.07 16.13
CA GLU A 122 3.19 7.89 17.56
C GLU A 122 4.39 7.31 18.29
N SER A 123 5.38 6.78 17.57
CA SER A 123 6.55 6.18 18.20
C SER A 123 7.73 6.33 17.25
N SER A 124 8.94 6.19 17.82
CA SER A 124 10.17 6.21 17.06
C SER A 124 10.89 4.86 17.05
N GLU A 125 10.24 3.80 17.53
CA GLU A 125 10.86 2.50 17.60
C GLU A 125 9.88 1.47 17.09
N ILE A 126 10.37 0.24 16.92
CA ILE A 126 9.48 -0.85 16.55
C ILE A 126 8.48 -1.08 17.66
N THR A 127 7.18 -1.13 17.30
CA THR A 127 6.11 -1.41 18.25
C THR A 127 5.31 -2.64 17.90
N ASN A 128 5.57 -3.27 16.75
CA ASN A 128 4.76 -4.40 16.29
C ASN A 128 5.68 -5.42 15.65
N ASN A 129 5.13 -6.62 15.45
CA ASN A 129 5.80 -7.72 14.75
C ASN A 129 4.85 -8.24 13.68
N PHE A 130 5.41 -8.66 12.56
CA PHE A 130 4.63 -9.12 11.42
C PHE A 130 5.06 -10.53 11.08
N TYR A 131 4.09 -11.41 10.80
CA TYR A 131 4.40 -12.81 10.60
C TYR A 131 3.44 -13.44 9.60
N VAL A 132 3.86 -14.59 9.09
CA VAL A 132 3.21 -15.22 7.94
C VAL A 132 2.64 -16.57 8.37
N GLU A 133 1.40 -16.83 7.95
CA GLU A 133 0.83 -18.17 7.94
C GLU A 133 0.66 -18.65 6.51
N GLN A 134 1.09 -19.89 6.23
CA GLN A 134 0.81 -20.48 4.92
C GLN A 134 -0.20 -21.60 5.05
N LEU A 135 -1.23 -21.57 4.21
CA LEU A 135 -2.30 -22.54 4.28
C LEU A 135 -2.08 -23.71 3.34
N TYR A 136 -0.89 -23.83 2.78
CA TYR A 136 -0.52 -24.97 1.95
C TYR A 136 0.69 -25.65 2.58
N THR A 137 0.93 -26.90 2.20
CA THR A 137 2.08 -27.61 2.76
C THR A 137 3.33 -27.40 1.91
N ASP A 138 3.25 -27.68 0.62
CA ASP A 138 4.40 -27.59 -0.27
C ASP A 138 4.04 -26.71 -1.46
N GLY A 139 5.06 -26.06 -2.02
CA GLY A 139 4.94 -25.44 -3.32
C GLY A 139 4.92 -26.51 -4.40
N ASN A 140 4.79 -26.04 -5.65
CA ASN A 140 4.75 -26.93 -6.80
C ASN A 140 5.02 -26.11 -8.05
N GLU A 141 5.20 -26.79 -9.18
CA GLU A 141 5.56 -26.15 -10.43
C GLU A 141 4.36 -25.88 -11.32
N ILE A 142 3.14 -26.09 -10.84
CA ILE A 142 1.94 -25.97 -11.65
C ILE A 142 1.17 -24.68 -11.36
N ASP A 143 0.96 -24.37 -10.08
CA ASP A 143 0.16 -23.21 -9.72
C ASP A 143 0.80 -21.93 -10.23
N THR A 144 -0.04 -21.04 -10.76
CA THR A 144 0.43 -19.75 -11.23
C THR A 144 -0.14 -18.58 -10.44
N GLU A 145 -1.05 -18.82 -9.51
CA GLU A 145 -1.61 -17.73 -8.72
C GLU A 145 -1.57 -18.11 -7.24
N VAL A 146 -1.44 -17.09 -6.41
CA VAL A 146 -1.48 -17.23 -4.96
C VAL A 146 -2.38 -16.13 -4.41
N ASN A 147 -3.14 -16.44 -3.36
CA ASN A 147 -3.92 -15.45 -2.63
C ASN A 147 -3.12 -15.00 -1.41
N LEU A 148 -3.07 -13.68 -1.19
CA LEU A 148 -2.34 -13.10 -0.06
C LEU A 148 -3.30 -12.23 0.74
N ILE A 149 -3.51 -12.59 1.99
CA ILE A 149 -4.41 -11.86 2.88
C ILE A 149 -3.54 -11.02 3.81
N LEU A 150 -3.81 -9.70 3.86
CA LEU A 150 -3.04 -8.78 4.69
C LEU A 150 -3.94 -8.34 5.83
N SER A 151 -3.74 -8.92 7.01
CA SER A 151 -4.65 -8.68 8.13
C SER A 151 -3.91 -7.89 9.20
N LEU A 152 -3.85 -6.56 9.01
CA LEU A 152 -3.20 -5.66 9.95
C LEU A 152 -4.20 -4.82 10.74
N SER A 153 -5.03 -4.04 10.05
CA SER A 153 -6.05 -3.22 10.71
C SER A 153 -7.15 -4.06 11.31
N ALA A 154 -7.31 -5.29 10.81
CA ALA A 154 -8.33 -6.21 11.29
C ALA A 154 -7.99 -7.57 10.72
N GLU A 155 -8.57 -8.61 11.32
CA GLU A 155 -8.40 -9.96 10.80
C GLU A 155 -9.49 -10.25 9.77
N ILE A 156 -9.06 -10.52 8.53
CA ILE A 156 -9.99 -10.87 7.46
C ILE A 156 -10.26 -12.38 7.56
N SER A 157 -11.48 -12.75 7.91
CA SER A 157 -11.76 -14.18 8.07
C SER A 157 -11.84 -14.84 6.70
N LEU A 158 -11.45 -16.12 6.66
CA LEU A 158 -11.24 -16.77 5.38
C LEU A 158 -12.53 -16.96 4.60
N ASP A 159 -13.68 -16.95 5.26
CA ASP A 159 -14.93 -17.08 4.52
C ASP A 159 -15.19 -15.89 3.59
N ARG A 160 -14.44 -14.79 3.74
CA ARG A 160 -14.60 -13.63 2.88
C ARG A 160 -13.76 -13.67 1.61
N ILE A 161 -12.86 -14.63 1.50
CA ILE A 161 -11.97 -14.74 0.33
C ILE A 161 -12.66 -15.65 -0.70
N PRO A 162 -12.85 -15.18 -1.93
CA PRO A 162 -13.37 -16.07 -2.98
C PRO A 162 -12.48 -17.30 -3.12
N THR A 163 -13.07 -18.48 -2.93
CA THR A 163 -12.36 -19.74 -2.85
C THR A 163 -13.05 -20.79 -3.71
N PHE A 164 -12.29 -21.52 -4.51
CA PHE A 164 -12.90 -22.51 -5.39
C PHE A 164 -13.31 -23.75 -4.61
N SER A 165 -14.45 -24.34 -5.00
CA SER A 165 -14.98 -25.46 -4.25
C SER A 165 -14.21 -26.75 -4.50
N ASN A 166 -13.62 -26.92 -5.68
CA ASN A 166 -12.96 -28.17 -6.02
C ASN A 166 -11.49 -28.13 -5.66
N GLN A 167 -10.98 -29.25 -5.14
CA GLN A 167 -9.63 -29.28 -4.60
C GLN A 167 -8.57 -29.03 -5.66
N GLU A 168 -8.80 -29.49 -6.89
CA GLU A 168 -7.81 -29.29 -7.94
C GLU A 168 -7.69 -27.84 -8.39
N TYR A 169 -8.60 -26.96 -7.94
CA TYR A 169 -8.59 -25.57 -8.37
C TYR A 169 -8.27 -24.61 -7.22
N LYS A 170 -8.27 -25.09 -5.98
CA LYS A 170 -8.04 -24.21 -4.84
C LYS A 170 -6.69 -23.50 -4.97
N VAL A 171 -6.72 -22.20 -4.78
CA VAL A 171 -5.55 -21.33 -4.95
C VAL A 171 -4.75 -21.33 -3.65
N PRO A 172 -3.45 -21.60 -3.69
CA PRO A 172 -2.65 -21.55 -2.46
C PRO A 172 -2.72 -20.17 -1.83
N THR A 173 -2.81 -20.14 -0.50
CA THR A 173 -3.11 -18.91 0.23
C THR A 173 -2.12 -18.72 1.37
N LEU A 174 -1.70 -17.46 1.58
CA LEU A 174 -0.86 -17.06 2.70
C LEU A 174 -1.51 -15.89 3.39
N ILE A 175 -1.26 -15.74 4.69
CA ILE A 175 -1.75 -14.61 5.46
C ILE A 175 -0.55 -13.90 6.10
N LEU A 176 -0.51 -12.59 5.95
CA LEU A 176 0.47 -11.75 6.64
C LEU A 176 -0.30 -10.98 7.70
N ARG A 177 0.02 -11.24 8.98
CA ARG A 177 -0.66 -10.63 10.12
C ARG A 177 0.33 -9.86 11.00
N SER A 178 -0.16 -9.05 11.92
CA SER A 178 0.63 -8.40 12.95
C SER A 178 0.18 -8.98 14.28
N ASP A 179 1.09 -8.94 15.27
CA ASP A 179 0.76 -9.26 16.68
C ASP A 179 -0.32 -8.37 17.19
N ARG A 180 -0.18 -7.04 16.99
CA ARG A 180 -1.25 -6.11 17.34
C ARG A 180 -2.00 -5.76 16.07
N GLN A 181 -3.26 -6.17 16.00
CA GLN A 181 -4.15 -5.78 14.93
C GLN A 181 -5.06 -4.66 15.40
N GLY A 182 -5.40 -3.79 14.45
CA GLY A 182 -6.21 -2.63 14.75
C GLY A 182 -5.72 -1.39 14.05
N PHE A 183 -6.39 -0.25 14.27
CA PHE A 183 -6.05 0.93 13.47
C PHE A 183 -4.64 1.45 13.73
N ASP A 184 -4.04 1.06 14.86
CA ASP A 184 -2.69 1.48 15.22
C ASP A 184 -1.66 0.37 14.99
N ALA A 185 -1.92 -0.53 14.03
CA ALA A 185 -0.93 -1.57 13.75
C ALA A 185 0.42 -0.99 13.38
N ILE A 186 0.42 0.18 12.73
CA ILE A 186 1.63 0.94 12.42
C ILE A 186 1.66 2.15 13.35
N LYS A 187 2.68 2.25 14.18
CA LYS A 187 2.87 3.44 14.99
C LYS A 187 4.11 4.25 14.64
N SER A 188 5.06 3.65 13.91
CA SER A 188 6.34 4.27 13.62
C SER A 188 6.75 3.97 12.19
N ASN A 189 7.66 4.80 11.66
CA ASN A 189 8.28 4.45 10.38
C ASN A 189 9.04 3.14 10.52
N GLU A 190 9.64 2.90 11.69
CA GLU A 190 10.30 1.63 11.97
C GLU A 190 9.35 0.45 11.79
N ASP A 191 8.10 0.60 12.22
CA ASP A 191 7.10 -0.45 12.02
C ASP A 191 6.90 -0.74 10.53
N VAL A 192 6.72 0.30 9.72
CA VAL A 192 6.51 0.10 8.28
C VAL A 192 7.73 -0.52 7.64
N ASN A 193 8.93 -0.06 8.01
CA ASN A 193 10.14 -0.65 7.46
C ASN A 193 10.19 -2.14 7.72
N GLU A 194 9.83 -2.55 8.93
CA GLU A 194 9.84 -3.98 9.27
C GLU A 194 8.74 -4.73 8.52
N TYR A 195 7.55 -4.14 8.42
CA TYR A 195 6.51 -4.74 7.59
C TYR A 195 7.02 -4.99 6.16
N ILE A 196 7.64 -3.99 5.56
CA ILE A 196 8.05 -4.12 4.16
C ILE A 196 9.13 -5.19 4.01
N SER A 197 10.02 -5.30 5.00
CA SER A 197 11.01 -6.38 4.97
C SER A 197 10.34 -7.75 5.01
N VAL A 198 9.36 -7.93 5.91
CA VAL A 198 8.64 -9.20 5.98
C VAL A 198 7.87 -9.45 4.68
N PHE A 199 7.17 -8.42 4.19
CA PHE A 199 6.40 -8.55 2.96
C PHE A 199 7.29 -8.95 1.79
N ARG A 200 8.44 -8.30 1.64
CA ARG A 200 9.29 -8.61 0.49
C ARG A 200 9.98 -9.96 0.65
N ASN A 201 10.60 -10.19 1.80
CA ASN A 201 11.48 -11.34 1.94
C ASN A 201 10.76 -12.62 2.34
N LEU A 202 9.80 -12.54 3.25
CA LEU A 202 9.12 -13.72 3.77
C LEU A 202 7.78 -13.97 3.10
N VAL A 203 7.33 -13.08 2.20
CA VAL A 203 6.07 -13.31 1.49
C VAL A 203 6.33 -13.31 -0.01
N VAL A 204 6.67 -12.15 -0.58
CA VAL A 204 6.72 -12.06 -2.04
C VAL A 204 7.80 -12.98 -2.59
N GLU A 205 9.02 -12.90 -2.05
CA GLU A 205 10.08 -13.76 -2.56
C GLU A 205 9.86 -15.22 -2.18
N LYS A 206 9.26 -15.48 -1.00
CA LYS A 206 8.98 -16.86 -0.60
C LYS A 206 7.98 -17.52 -1.53
N ILE A 207 6.94 -16.78 -1.91
CA ILE A 207 5.91 -17.32 -2.80
C ILE A 207 6.53 -17.72 -4.14
N ARG A 208 7.43 -16.90 -4.67
CA ARG A 208 8.04 -17.24 -5.94
C ARG A 208 9.02 -18.41 -5.80
N ASN A 209 9.66 -18.56 -4.64
CA ASN A 209 10.48 -19.76 -4.42
C ASN A 209 9.60 -21.01 -4.37
N ASP A 210 8.43 -20.92 -3.73
CA ASP A 210 7.55 -22.06 -3.59
C ASP A 210 6.84 -22.39 -4.90
N PHE A 211 6.50 -21.36 -5.69
CA PHE A 211 5.76 -21.54 -6.93
C PHE A 211 6.55 -20.88 -8.05
N PRO A 212 7.53 -21.59 -8.60
CA PRO A 212 8.47 -20.95 -9.54
C PRO A 212 7.81 -20.43 -10.82
N ASN A 213 6.61 -20.89 -11.16
CA ASN A 213 5.94 -20.42 -12.35
C ASN A 213 4.81 -19.44 -12.02
N LEU A 214 4.88 -18.83 -10.85
CA LEU A 214 3.96 -17.79 -10.42
C LEU A 214 3.81 -16.70 -11.47
N LYS A 215 2.55 -16.31 -11.71
CA LYS A 215 2.22 -15.19 -12.59
C LYS A 215 1.45 -14.09 -11.90
N CYS A 216 0.82 -14.36 -10.75
CA CYS A 216 -0.08 -13.38 -10.17
C CYS A 216 -0.22 -13.59 -8.67
N ILE A 217 -0.23 -12.49 -7.92
CA ILE A 217 -0.56 -12.50 -6.50
C ILE A 217 -1.84 -11.70 -6.33
N ASN A 218 -2.88 -12.35 -5.78
CA ASN A 218 -4.14 -11.69 -5.48
C ASN A 218 -4.10 -11.19 -4.04
N ILE A 219 -4.25 -9.87 -3.85
CA ILE A 219 -4.06 -9.25 -2.55
C ILE A 219 -5.41 -8.83 -1.98
N PHE A 220 -5.70 -9.28 -0.76
CA PHE A 220 -6.94 -8.96 -0.04
C PHE A 220 -6.57 -8.26 1.25
N PRO A 221 -6.68 -6.92 1.31
CA PRO A 221 -6.01 -6.20 2.41
C PRO A 221 -6.92 -5.47 3.37
N ALA A 222 -6.47 -5.42 4.64
CA ALA A 222 -7.05 -4.55 5.66
C ALA A 222 -5.82 -3.93 6.32
N THR A 223 -5.37 -2.79 5.81
CA THR A 223 -4.10 -2.19 6.23
C THR A 223 -4.25 -0.68 6.39
N PRO A 224 -3.44 -0.07 7.23
CA PRO A 224 -3.44 1.39 7.36
C PRO A 224 -2.68 2.06 6.21
N VAL A 225 -2.90 3.39 6.06
CA VAL A 225 -2.57 4.06 4.79
C VAL A 225 -1.10 3.93 4.40
N SER A 226 -0.19 3.92 5.38
CA SER A 226 1.22 3.94 5.00
C SER A 226 1.63 2.63 4.33
N VAL A 227 0.93 1.54 4.62
CA VAL A 227 1.34 0.22 4.16
C VAL A 227 1.14 0.06 2.65
N PRO A 228 -0.04 0.35 2.07
CA PRO A 228 -0.15 0.18 0.60
C PRO A 228 0.75 1.11 -0.17
N VAL A 229 0.94 2.34 0.29
CA VAL A 229 1.83 3.23 -0.44
C VAL A 229 3.24 2.66 -0.46
N ARG A 230 3.72 2.20 0.71
CA ARG A 230 5.06 1.63 0.75
C ARG A 230 5.14 0.30 -0.03
N MET A 231 4.09 -0.52 -0.06
CA MET A 231 4.14 -1.68 -0.95
C MET A 231 4.21 -1.29 -2.42
N GLY A 232 3.49 -0.24 -2.82
CA GLY A 232 3.59 0.19 -4.21
C GLY A 232 4.99 0.68 -4.56
N MET A 233 5.62 1.41 -3.64
CA MET A 233 7.00 1.82 -3.88
C MET A 233 7.94 0.63 -3.96
N ASN A 234 7.62 -0.44 -3.26
CA ASN A 234 8.47 -1.64 -3.23
C ASN A 234 8.36 -2.47 -4.50
N TYR A 235 7.33 -2.25 -5.31
CA TYR A 235 7.13 -3.04 -6.51
C TYR A 235 8.31 -2.86 -7.48
N GLN A 236 8.78 -3.96 -8.06
CA GLN A 236 9.93 -3.93 -8.97
C GLN A 236 9.41 -4.08 -10.39
N LYS A 237 9.36 -2.96 -11.11
CA LYS A 237 8.67 -2.93 -12.39
C LYS A 237 9.37 -3.83 -13.41
N ASN A 238 8.57 -4.68 -14.07
CA ASN A 238 8.99 -5.67 -15.07
C ASN A 238 9.74 -6.84 -14.44
N ILE A 239 9.87 -6.86 -13.12
CA ILE A 239 10.57 -7.93 -12.41
C ILE A 239 9.59 -8.73 -11.57
N ASP A 240 8.82 -8.04 -10.73
CA ASP A 240 7.75 -8.67 -9.96
C ASP A 240 6.66 -9.20 -10.89
N VAL A 241 5.86 -10.14 -10.37
CA VAL A 241 4.71 -10.65 -11.12
C VAL A 241 3.56 -9.66 -11.03
N GLU A 242 2.40 -10.01 -11.58
CA GLU A 242 1.24 -9.13 -11.46
C GLU A 242 0.73 -9.18 -10.03
N TRP A 243 0.48 -8.02 -9.43
CA TRP A 243 -0.17 -7.93 -8.14
C TRP A 243 -1.58 -7.38 -8.38
N LYS A 244 -2.59 -8.24 -8.24
CA LYS A 244 -3.98 -7.84 -8.35
C LYS A 244 -4.49 -7.47 -6.96
N ILE A 245 -4.98 -6.25 -6.78
CA ILE A 245 -5.47 -5.84 -5.47
C ILE A 245 -6.99 -5.80 -5.52
N PHE A 246 -7.61 -6.40 -4.51
CA PHE A 246 -9.05 -6.44 -4.34
C PHE A 246 -9.43 -5.47 -3.24
N ASN A 247 -10.70 -5.10 -3.20
CA ASN A 247 -11.14 -4.10 -2.24
C ASN A 247 -12.46 -4.53 -1.63
N GLN A 248 -12.53 -4.45 -0.30
CA GLN A 248 -13.77 -4.75 0.42
C GLN A 248 -14.77 -3.63 0.15
N GLN A 249 -15.92 -3.99 -0.42
CA GLN A 249 -16.95 -2.99 -0.69
C GLN A 249 -18.29 -3.45 -0.13
N THR A 250 -19.02 -2.49 0.43
CA THR A 250 -20.24 -2.76 1.19
C THR A 250 -21.19 -3.65 0.40
N ASN A 251 -21.66 -4.71 1.05
CA ASN A 251 -22.70 -5.62 0.59
C ASN A 251 -22.26 -6.50 -0.58
N VAL A 252 -20.99 -6.44 -0.99
CA VAL A 252 -20.52 -7.20 -2.14
C VAL A 252 -19.29 -8.04 -1.85
N GLY A 253 -18.55 -7.79 -0.78
CA GLY A 253 -17.35 -8.56 -0.53
C GLY A 253 -16.14 -7.93 -1.19
N PHE A 254 -15.10 -8.75 -1.39
CA PHE A 254 -13.89 -8.27 -2.03
C PHE A 254 -14.04 -8.31 -3.55
N ILE A 255 -13.84 -7.15 -4.19
CA ILE A 255 -13.99 -6.99 -5.64
C ILE A 255 -12.66 -6.53 -6.21
N TYR A 256 -12.28 -7.10 -7.36
CA TYR A 256 -11.02 -6.71 -8.01
C TYR A 256 -11.03 -5.22 -8.32
N SER A 257 -9.94 -4.53 -7.95
CA SER A 257 -9.83 -3.09 -8.20
C SER A 257 -8.88 -2.78 -9.35
N LEU A 258 -7.61 -3.18 -9.24
CA LEU A 258 -6.58 -2.81 -10.21
C LEU A 258 -5.38 -3.73 -10.01
N SER A 259 -4.42 -3.63 -10.93
CA SER A 259 -3.21 -4.42 -10.87
C SER A 259 -1.98 -3.54 -10.97
N LEU A 260 -0.90 -3.97 -10.34
CA LEU A 260 0.45 -3.54 -10.68
C LEU A 260 1.03 -4.61 -11.60
N LYS A 261 1.49 -4.22 -12.79
CA LYS A 261 1.83 -5.22 -13.79
C LYS A 261 3.03 -4.74 -14.60
N GLY A 262 3.82 -5.68 -15.07
CA GLY A 262 4.92 -5.35 -15.95
C GLY A 262 4.44 -5.11 -17.37
N GLU A 263 5.31 -4.54 -18.17
CA GLU A 263 4.98 -4.14 -19.54
C GLU A 263 5.71 -5.02 -20.54
C21 4UR B . -7.51 3.64 3.71
C22 4UR B . -8.81 3.37 2.93
C28 4UR B . -10.48 -0.07 5.32
N01 4UR B . -12.00 -2.44 10.27
C02 4UR B . -11.93 -3.37 9.13
N03 4UR B . -11.46 -2.87 7.88
C04 4UR B . -11.38 -3.81 6.72
C05 4UR B . -11.75 -5.12 6.79
N06 4UR B . -11.56 -5.64 5.56
C07 4UR B . -11.09 -4.65 4.77
N08 4UR B . -10.98 -3.52 5.53
C09 4UR B . -10.51 -2.41 4.80
O10 4UR B . -9.21 -2.08 5.34
C11 4UR B . -9.17 -0.69 5.65
C12 4UR B . -8.76 -0.55 7.15
O13 4UR B . -9.16 0.73 7.66
P14 4UR B . -7.85 1.63 8.28
O15 4UR B . -8.49 2.84 8.89
O16 4UR B . -6.87 0.96 9.22
O17 4UR B . -6.99 2.11 6.87
C18 4UR B . -7.75 2.83 5.88
C19 4UR B . -7.18 2.47 4.57
O20 4UR B . -5.75 2.38 4.62
O23 4UR B . -9.91 3.09 3.91
P24 4UR B . -11.04 1.92 3.57
O25 4UR B . -11.22 1.82 2.06
O26 4UR B . -12.36 2.11 4.30
O27 4UR B . -10.26 0.47 3.97
C29 4UR B . -11.37 -1.23 5.28
O30 4UR B . -12.51 -1.03 4.46
O31 4UR B . -7.67 4.72 4.59
C32 4UR B . -7.49 4.31 5.98
N33 4UR B . -8.47 5.06 6.70
C34 4UR B . -9.81 5.15 6.54
N35 4UR B . -10.28 6.02 7.47
C36 4UR B . -9.22 6.47 8.18
C37 4UR B . -9.16 7.36 9.21
N38 4UR B . -10.14 8.14 9.93
N39 4UR B . -7.99 7.67 9.77
C40 4UR B . -6.85 7.08 9.31
N41 4UR B . -6.91 6.20 8.27
C42 4UR B . -8.10 5.89 7.70
C43 4UR B . -12.27 -5.64 8.13
O44 4UR B . -12.61 -6.77 8.29
N45 4UR B . -12.34 -4.75 9.25
#